data_3O1U
#
_entry.id   3O1U
#
_cell.length_a   41.120
_cell.length_b   75.880
_cell.length_c   51.160
_cell.angle_alpha   90.00
_cell.angle_beta   107.16
_cell.angle_gamma   90.00
#
_symmetry.space_group_name_H-M   'P 1 21 1'
#
loop_
_entity.id
_entity.type
_entity.pdbx_description
1 polymer 'Alpha-ketoglutarate-dependent dioxygenase AlkB'
2 polymer "DNA (5'-D(*AP*GP*GP*TP*AP*AP*(MDV)P*AP*CP*CP*GP*T)-3')"
3 polymer "DNA (5'-D(*AP*AP*CP*GP*GP*TP*AP*TP*TP*AP*CP*CP*T)-3')"
4 non-polymer 'FE (III) ION'
5 non-polymer 'SUCCINIC ACID'
6 water water
#
loop_
_entity_poly.entity_id
_entity_poly.type
_entity_poly.pdbx_seq_one_letter_code
_entity_poly.pdbx_strand_id
1 'polypeptide(L)'
;MQEPLAAGAVILRRFAFNAAEQLIRDINDVASQSPFRQMVTPGGYTMSVAMTNCGHLGWTTHRQGYLYSPIDPQTNKPWP
AMPQSFHNLCQRAATAAGYPDFQPDACLINRYAPGAKLCLHQDKDEPDLRAPIVSVSLGLPAIFQFGGLKRNDPLKRLLL
EHGDVVVWGGESRLFYHGIQPLKAGFHPLTIDCRYNLTFRQAGKKE
;
A
2 'polydeoxyribonucleotide' (DA)(DG)(DG)(DT)(DA)(DA)(MDV)(DA)(2YR)(DC)(DG)(DT) B
3 'polydeoxyribonucleotide' (DA)(DA)(DC)(DG)(DG)(DT)(DA)(DT)(DT)(DA)(DC)(DC)(DT) C
#
# COMPACT_ATOMS: atom_id res chain seq x y z
N GLU A 3 -0.28 12.35 -20.20
CA GLU A 3 0.98 12.48 -19.41
C GLU A 3 1.07 11.34 -18.40
N PRO A 4 2.20 10.60 -18.42
CA PRO A 4 2.49 9.56 -17.45
C PRO A 4 2.67 10.16 -16.06
N LEU A 5 2.39 9.37 -15.02
CA LEU A 5 2.52 9.86 -13.64
C LEU A 5 3.89 10.44 -13.31
N ALA A 6 4.95 9.70 -13.63
CA ALA A 6 6.32 10.13 -13.41
C ALA A 6 7.25 9.14 -14.11
N ALA A 7 8.54 9.46 -14.15
CA ALA A 7 9.51 8.52 -14.72
C ALA A 7 9.46 7.21 -13.94
N GLY A 8 9.14 6.12 -14.62
CA GLY A 8 9.03 4.82 -13.98
C GLY A 8 7.71 4.63 -13.24
N ALA A 9 6.80 5.59 -13.37
CA ALA A 9 5.55 5.54 -12.62
C ALA A 9 4.34 5.64 -13.52
N VAL A 10 3.31 4.88 -13.21
CA VAL A 10 2.12 4.86 -14.04
C VAL A 10 0.90 4.62 -13.17
N ILE A 11 -0.23 5.21 -13.56
CA ILE A 11 -1.52 4.82 -12.96
C ILE A 11 -2.35 4.02 -13.95
N LEU A 12 -2.83 2.88 -13.49
CA LEU A 12 -3.65 2.01 -14.30
C LEU A 12 -5.05 2.11 -13.76
N ARG A 13 -5.86 2.97 -14.36
CA ARG A 13 -7.16 3.27 -13.78
C ARG A 13 -8.12 2.10 -13.92
N ARG A 14 -8.72 1.75 -12.80
CA ARG A 14 -9.69 0.65 -12.72
C ARG A 14 -9.06 -0.68 -13.11
N PHE A 15 -7.73 -0.77 -13.11
CA PHE A 15 -7.06 -2.02 -13.47
C PHE A 15 -7.55 -3.19 -12.62
N ALA A 16 -7.79 -2.93 -11.33
CA ALA A 16 -8.14 -3.97 -10.38
C ALA A 16 -9.65 -4.01 -10.16
N PHE A 17 -10.39 -3.26 -10.97
CA PHE A 17 -11.85 -3.21 -10.79
C PHE A 17 -12.48 -4.60 -10.84
N ASN A 18 -12.11 -5.38 -11.85
CA ASN A 18 -12.72 -6.70 -12.01
C ASN A 18 -12.28 -7.64 -10.91
N ALA A 19 -11.05 -7.45 -10.41
CA ALA A 19 -10.50 -8.30 -9.35
C ALA A 19 -10.94 -7.87 -7.95
N ALA A 20 -11.50 -6.67 -7.84
CA ALA A 20 -11.71 -6.05 -6.52
C ALA A 20 -12.50 -6.86 -5.51
N GLU A 21 -13.62 -7.47 -5.91
CA GLU A 21 -14.42 -8.23 -4.96
C GLU A 21 -13.61 -9.35 -4.31
N GLN A 22 -12.87 -10.10 -5.12
CA GLN A 22 -12.02 -11.15 -4.59
C GLN A 22 -10.92 -10.59 -3.69
N LEU A 23 -10.28 -9.50 -4.13
CA LEU A 23 -9.25 -8.89 -3.31
C LEU A 23 -9.78 -8.53 -1.93
N ILE A 24 -11.03 -8.06 -1.88
CA ILE A 24 -11.57 -7.62 -0.61
C ILE A 24 -11.90 -8.80 0.30
N ARG A 25 -12.39 -9.89 -0.30
CA ARG A 25 -12.56 -11.12 0.45
C ARG A 25 -11.22 -11.54 1.05
N ASP A 26 -10.16 -11.43 0.27
CA ASP A 26 -8.85 -11.87 0.76
C ASP A 26 -8.25 -10.91 1.80
N ILE A 27 -8.51 -9.62 1.65
CA ILE A 27 -8.15 -8.68 2.71
C ILE A 27 -8.79 -9.13 4.02
N ASN A 28 -10.05 -9.52 3.97
CA ASN A 28 -10.75 -9.89 5.18
C ASN A 28 -10.11 -11.12 5.78
N ASP A 29 -9.72 -12.04 4.90
CA ASP A 29 -9.06 -13.27 5.32
C ASP A 29 -7.72 -12.97 5.98
N VAL A 30 -6.94 -12.10 5.37
CA VAL A 30 -5.66 -11.76 5.96
C VAL A 30 -5.86 -11.14 7.35
N ALA A 31 -6.74 -10.15 7.42
CA ALA A 31 -7.02 -9.45 8.67
C ALA A 31 -7.59 -10.35 9.76
N SER A 32 -8.21 -11.47 9.38
CA SER A 32 -8.78 -12.35 10.37
C SER A 32 -7.66 -13.05 11.13
N GLN A 33 -6.44 -12.98 10.60
CA GLN A 33 -5.29 -13.65 11.18
C GLN A 33 -4.30 -12.66 11.78
N SER A 34 -3.94 -11.63 11.02
CA SER A 34 -3.19 -10.50 11.54
C SER A 34 -4.08 -9.27 11.41
N PRO A 35 -4.78 -8.95 12.51
CA PRO A 35 -5.77 -7.87 12.51
C PRO A 35 -5.21 -6.52 12.12
N PHE A 36 -6.07 -5.67 11.58
CA PHE A 36 -5.68 -4.30 11.36
C PHE A 36 -5.33 -3.71 12.70
N ARG A 37 -4.24 -2.96 12.76
CA ARG A 37 -3.93 -2.25 13.99
C ARG A 37 -3.40 -0.89 13.58
N GLN A 38 -3.72 0.12 14.38
CA GLN A 38 -3.11 1.41 14.15
C GLN A 38 -1.77 1.43 14.88
N MET A 39 -0.70 1.54 14.11
CA MET A 39 0.65 1.45 14.66
C MET A 39 1.08 2.75 15.35
N VAL A 40 2.01 2.62 16.30
CA VAL A 40 2.51 3.76 17.04
C VAL A 40 3.87 4.11 16.51
N THR A 41 4.08 5.36 16.18
CA THR A 41 5.35 5.79 15.68
C THR A 41 6.43 5.69 16.75
N PRO A 42 7.70 5.68 16.34
CA PRO A 42 8.75 5.76 17.33
C PRO A 42 8.60 6.95 18.28
N GLY A 43 8.06 8.07 17.79
CA GLY A 43 7.86 9.26 18.62
C GLY A 43 6.63 9.24 19.51
N GLY A 44 5.81 8.19 19.35
CA GLY A 44 4.73 7.89 20.28
C GLY A 44 3.34 8.27 19.83
N TYR A 45 3.19 8.55 18.53
CA TYR A 45 1.88 8.89 17.99
C TYR A 45 1.20 7.74 17.29
N THR A 46 -0.10 7.57 17.52
CA THR A 46 -0.84 6.52 16.85
C THR A 46 -1.27 6.95 15.44
N MET A 47 -0.86 6.17 14.45
CA MET A 47 -1.19 6.45 13.05
C MET A 47 -2.69 6.35 12.82
N SER A 48 -3.25 7.17 11.91
CA SER A 48 -4.69 7.14 11.70
C SER A 48 -5.12 5.99 10.78
N VAL A 49 -4.19 5.58 9.93
N VAL A 49 -4.20 5.56 9.93
CA VAL A 49 -4.37 4.44 9.05
CA VAL A 49 -4.45 4.45 9.04
C VAL A 49 -4.24 3.18 9.89
C VAL A 49 -4.20 3.15 9.80
N ALA A 50 -5.14 2.22 9.72
CA ALA A 50 -4.96 0.94 10.37
C ALA A 50 -4.25 0.03 9.36
N MET A 51 -3.31 -0.79 9.83
CA MET A 51 -2.49 -1.61 8.93
C MET A 51 -2.40 -3.08 9.33
N THR A 52 -2.13 -3.91 8.34
CA THR A 52 -1.66 -5.27 8.56
C THR A 52 -0.78 -5.63 7.35
N ASN A 53 -0.24 -6.86 7.31
CA ASN A 53 0.58 -7.31 6.21
C ASN A 53 0.30 -8.75 5.86
N CYS A 54 0.67 -9.14 4.66
CA CYS A 54 0.76 -10.54 4.29
C CYS A 54 1.99 -10.75 3.43
N GLY A 55 2.33 -12.00 3.17
CA GLY A 55 3.59 -12.28 2.51
C GLY A 55 4.71 -12.56 3.51
N HIS A 56 5.91 -12.78 3.00
CA HIS A 56 7.01 -13.18 3.86
C HIS A 56 7.46 -12.09 4.85
N LEU A 57 7.34 -10.83 4.45
CA LEU A 57 7.79 -9.72 5.29
C LEU A 57 6.67 -8.68 5.48
N GLY A 58 6.45 -8.26 6.72
CA GLY A 58 5.46 -7.23 7.02
C GLY A 58 6.14 -5.97 7.55
N TRP A 59 5.69 -4.80 7.09
CA TRP A 59 6.22 -3.53 7.58
C TRP A 59 5.57 -3.17 8.91
N THR A 60 6.36 -2.76 9.88
CA THR A 60 5.86 -2.35 11.20
C THR A 60 6.69 -1.23 11.79
N THR A 61 6.12 -0.51 12.75
CA THR A 61 6.90 0.45 13.49
C THR A 61 7.45 -0.25 14.73
N HIS A 62 8.47 0.35 15.32
CA HIS A 62 9.08 -0.17 16.52
C HIS A 62 9.54 1.06 17.29
N ARG A 63 9.87 0.89 18.56
CA ARG A 63 10.33 2.03 19.34
C ARG A 63 11.56 2.61 18.66
N GLN A 64 12.36 1.74 18.06
CA GLN A 64 13.63 2.14 17.49
C GLN A 64 13.54 2.58 16.04
N GLY A 65 12.37 2.39 15.43
CA GLY A 65 12.21 2.78 14.04
C GLY A 65 11.19 1.96 13.28
N TYR A 66 11.36 1.86 11.97
CA TYR A 66 10.54 0.99 11.14
C TYR A 66 11.34 -0.26 10.79
N LEU A 67 10.64 -1.36 10.61
CA LEU A 67 11.27 -2.64 10.45
C LEU A 67 10.43 -3.53 9.55
N TYR A 68 11.09 -4.28 8.68
CA TYR A 68 10.42 -5.41 8.06
C TYR A 68 10.67 -6.63 8.91
N SER A 69 9.63 -7.40 9.18
N SER A 69 9.62 -7.40 9.19
CA SER A 69 9.78 -8.60 9.99
CA SER A 69 9.75 -8.59 10.00
C SER A 69 8.92 -9.72 9.43
C SER A 69 8.91 -9.72 9.45
N PRO A 70 9.44 -10.95 9.51
CA PRO A 70 8.67 -12.11 9.09
C PRO A 70 7.59 -12.44 10.11
N ILE A 71 7.66 -11.81 11.28
CA ILE A 71 6.72 -12.09 12.37
C ILE A 71 5.88 -10.86 12.75
N ASP A 72 4.57 -11.05 12.89
CA ASP A 72 3.67 -10.00 13.35
C ASP A 72 3.92 -9.79 14.84
N PRO A 73 4.40 -8.58 15.23
CA PRO A 73 4.75 -8.36 16.64
C PRO A 73 3.53 -8.39 17.54
N GLN A 74 2.35 -8.27 16.95
CA GLN A 74 1.12 -8.27 17.74
C GLN A 74 0.67 -9.70 18.05
N THR A 75 0.81 -10.59 17.08
CA THR A 75 0.37 -11.98 17.23
C THR A 75 1.54 -12.88 17.57
N ASN A 76 2.76 -12.41 17.31
CA ASN A 76 3.96 -13.23 17.42
C ASN A 76 3.97 -14.45 16.49
N LYS A 77 3.14 -14.39 15.46
CA LYS A 77 3.11 -15.41 14.42
C LYS A 77 3.49 -14.79 13.10
N PRO A 78 3.90 -15.63 12.14
CA PRO A 78 4.19 -15.11 10.81
C PRO A 78 2.99 -14.33 10.26
N TRP A 79 3.26 -13.33 9.44
CA TRP A 79 2.19 -12.67 8.72
C TRP A 79 1.51 -13.73 7.84
N PRO A 80 0.21 -13.56 7.54
CA PRO A 80 -0.44 -14.53 6.66
C PRO A 80 0.23 -14.57 5.29
N ALA A 81 0.17 -15.73 4.64
CA ALA A 81 0.73 -15.86 3.31
C ALA A 81 0.06 -14.86 2.37
N MET A 82 0.79 -14.42 1.36
CA MET A 82 0.20 -13.51 0.38
C MET A 82 -0.83 -14.25 -0.46
N PRO A 83 -2.10 -13.80 -0.44
CA PRO A 83 -3.12 -14.44 -1.26
C PRO A 83 -2.73 -14.53 -2.75
N GLN A 84 -3.10 -15.62 -3.39
CA GLN A 84 -2.84 -15.75 -4.81
C GLN A 84 -3.51 -14.63 -5.62
N SER A 85 -4.69 -14.19 -5.19
CA SER A 85 -5.38 -13.09 -5.90
C SER A 85 -4.53 -11.83 -5.88
N PHE A 86 -3.93 -11.56 -4.72
CA PHE A 86 -3.04 -10.42 -4.55
C PHE A 86 -1.85 -10.60 -5.48
N HIS A 87 -1.23 -11.78 -5.42
CA HIS A 87 -0.01 -12.00 -6.17
C HIS A 87 -0.29 -11.90 -7.67
N ASN A 88 -1.41 -12.47 -8.10
CA ASN A 88 -1.72 -12.50 -9.52
C ASN A 88 -2.04 -11.10 -10.04
N LEU A 89 -2.85 -10.36 -9.28
CA LEU A 89 -3.19 -8.99 -9.66
C LEU A 89 -1.92 -8.15 -9.69
N CYS A 90 -1.10 -8.28 -8.64
CA CYS A 90 0.15 -7.54 -8.58
C CYS A 90 1.02 -7.82 -9.81
N GLN A 91 1.19 -9.09 -10.13
CA GLN A 91 1.98 -9.48 -11.29
C GLN A 91 1.43 -8.89 -12.60
N ARG A 92 0.12 -8.97 -12.79
CA ARG A 92 -0.51 -8.42 -13.99
C ARG A 92 -0.33 -6.91 -14.08
N ALA A 93 -0.50 -6.22 -12.95
CA ALA A 93 -0.32 -4.76 -12.92
C ALA A 93 1.12 -4.38 -13.17
N ALA A 94 2.04 -5.06 -12.48
CA ALA A 94 3.46 -4.80 -12.66
C ALA A 94 3.85 -4.95 -14.12
N THR A 95 3.38 -6.01 -14.75
CA THR A 95 3.68 -6.29 -16.16
C THR A 95 3.13 -5.16 -17.05
N ALA A 96 1.87 -4.80 -16.83
CA ALA A 96 1.24 -3.74 -17.62
C ALA A 96 2.00 -2.44 -17.44
N ALA A 97 2.55 -2.24 -16.26
CA ALA A 97 3.21 -0.99 -15.92
C ALA A 97 4.66 -1.02 -16.37
N GLY A 98 5.10 -2.14 -16.94
CA GLY A 98 6.45 -2.21 -17.48
C GLY A 98 7.48 -2.80 -16.55
N TYR A 99 7.00 -3.54 -15.53
CA TYR A 99 7.89 -4.19 -14.58
C TYR A 99 7.61 -5.68 -14.53
N PRO A 100 7.85 -6.39 -15.66
CA PRO A 100 7.46 -7.78 -15.78
C PRO A 100 8.16 -8.75 -14.80
N ASP A 101 9.33 -8.40 -14.28
CA ASP A 101 10.08 -9.36 -13.46
C ASP A 101 9.90 -9.19 -11.94
N PHE A 102 9.00 -8.30 -11.55
CA PHE A 102 8.80 -7.97 -10.15
C PHE A 102 8.29 -9.19 -9.38
N GLN A 103 8.96 -9.49 -8.27
CA GLN A 103 8.58 -10.60 -7.40
C GLN A 103 8.40 -10.08 -5.98
N PRO A 104 7.18 -9.67 -5.62
CA PRO A 104 7.00 -9.12 -4.27
C PRO A 104 7.12 -10.19 -3.21
N ASP A 105 7.58 -9.83 -2.01
CA ASP A 105 7.62 -10.77 -0.89
C ASP A 105 6.93 -10.16 0.33
N ALA A 106 6.19 -9.06 0.10
CA ALA A 106 5.61 -8.29 1.19
C ALA A 106 4.42 -7.54 0.64
N CYS A 107 3.31 -7.56 1.36
CA CYS A 107 2.19 -6.74 1.02
C CYS A 107 1.63 -6.07 2.27
N LEU A 108 1.65 -4.74 2.30
CA LEU A 108 1.11 -3.96 3.39
C LEU A 108 -0.32 -3.61 3.04
N ILE A 109 -1.25 -3.90 3.96
CA ILE A 109 -2.63 -3.59 3.73
C ILE A 109 -3.04 -2.41 4.61
N ASN A 110 -3.48 -1.33 3.99
CA ASN A 110 -3.85 -0.09 4.68
C ASN A 110 -5.36 0.08 4.66
N ARG A 111 -5.92 0.48 5.81
CA ARG A 111 -7.35 0.78 5.89
C ARG A 111 -7.54 2.20 6.38
N TYR A 112 -8.22 2.99 5.55
CA TYR A 112 -8.56 4.38 5.84
C TYR A 112 -10.02 4.54 6.21
N ALA A 113 -10.25 5.01 7.44
CA ALA A 113 -11.56 5.48 7.85
C ALA A 113 -11.65 6.95 7.47
N PRO A 114 -12.87 7.52 7.47
CA PRO A 114 -12.98 8.96 7.23
C PRO A 114 -12.01 9.73 8.10
N GLY A 115 -11.29 10.67 7.50
CA GLY A 115 -10.33 11.47 8.25
C GLY A 115 -8.93 10.90 8.31
N ALA A 116 -8.80 9.60 8.05
CA ALA A 116 -7.50 8.97 8.12
C ALA A 116 -6.64 9.45 6.95
N LYS A 117 -5.34 9.60 7.20
CA LYS A 117 -4.41 10.14 6.24
C LYS A 117 -3.09 9.41 6.33
N LEU A 118 -2.20 9.67 5.38
CA LEU A 118 -0.86 9.19 5.51
C LEU A 118 0.03 10.30 5.02
N CYS A 119 0.71 10.93 5.95
CA CYS A 119 1.57 12.05 5.61
C CYS A 119 2.68 11.59 4.68
N LEU A 120 3.20 12.54 3.91
CA LEU A 120 4.28 12.30 2.95
C LEU A 120 5.42 11.50 3.57
N HIS A 121 5.85 10.47 2.85
CA HIS A 121 6.95 9.64 3.29
C HIS A 121 7.55 8.96 2.07
N GLN A 122 8.68 8.31 2.27
CA GLN A 122 9.32 7.51 1.23
C GLN A 122 9.18 6.04 1.60
N ASP A 123 9.07 5.17 0.61
CA ASP A 123 9.17 3.73 0.83
C ASP A 123 10.64 3.42 0.73
N LYS A 124 11.31 3.25 1.86
CA LYS A 124 12.76 3.21 1.83
C LYS A 124 13.39 2.13 2.70
N ASP A 125 12.56 1.25 3.25
CA ASP A 125 13.04 0.21 4.17
C ASP A 125 13.45 -1.07 3.45
N GLU A 126 13.31 -1.08 2.13
CA GLU A 126 13.67 -2.24 1.32
C GLU A 126 15.11 -2.14 0.87
N PRO A 127 15.89 -3.22 1.05
CA PRO A 127 17.29 -3.21 0.63
C PRO A 127 17.48 -3.18 -0.89
N ASP A 128 16.57 -3.80 -1.64
CA ASP A 128 16.71 -3.82 -3.09
C ASP A 128 15.79 -2.83 -3.78
N LEU A 129 16.30 -1.64 -4.05
CA LEU A 129 15.52 -0.55 -4.62
C LEU A 129 15.25 -0.73 -6.12
N ARG A 130 15.72 -1.84 -6.68
CA ARG A 130 15.50 -2.11 -8.09
C ARG A 130 14.04 -2.46 -8.34
N ALA A 131 13.40 -3.04 -7.33
CA ALA A 131 12.03 -3.50 -7.45
C ALA A 131 11.06 -2.34 -7.24
N PRO A 132 9.96 -2.33 -8.03
CA PRO A 132 8.97 -1.28 -7.94
C PRO A 132 8.02 -1.44 -6.73
N ILE A 133 7.23 -0.40 -6.49
CA ILE A 133 6.07 -0.51 -5.61
C ILE A 133 4.79 -0.62 -6.45
N VAL A 134 3.93 -1.57 -6.11
CA VAL A 134 2.62 -1.68 -6.76
C VAL A 134 1.54 -1.40 -5.72
N SER A 135 0.68 -0.43 -6.01
CA SER A 135 -0.24 0.10 -5.02
C SER A 135 -1.67 0.05 -5.56
N VAL A 136 -2.52 -0.72 -4.91
CA VAL A 136 -3.90 -0.97 -5.38
C VAL A 136 -4.90 -0.26 -4.47
N SER A 137 -5.82 0.51 -5.05
CA SER A 137 -6.85 1.22 -4.28
C SER A 137 -8.18 0.50 -4.37
N LEU A 138 -8.87 0.42 -3.23
CA LEU A 138 -10.20 -0.21 -3.17
C LEU A 138 -11.14 0.63 -2.31
N GLY A 139 -12.41 0.68 -2.70
CA GLY A 139 -13.42 1.38 -1.92
C GLY A 139 -13.47 2.88 -2.17
N LEU A 140 -13.56 3.65 -1.08
CA LEU A 140 -13.82 5.09 -1.18
C LEU A 140 -12.65 5.77 -1.85
N PRO A 141 -12.93 6.83 -2.61
CA PRO A 141 -11.86 7.55 -3.29
C PRO A 141 -10.98 8.35 -2.34
N ALA A 142 -9.72 8.55 -2.70
CA ALA A 142 -8.81 9.31 -1.88
C ALA A 142 -7.90 10.14 -2.76
N ILE A 143 -7.45 11.27 -2.23
CA ILE A 143 -6.45 12.06 -2.94
C ILE A 143 -5.03 11.64 -2.59
N PHE A 144 -4.31 11.15 -3.60
CA PHE A 144 -2.98 10.62 -3.48
C PHE A 144 -2.04 11.71 -3.88
N GLN A 145 -1.05 11.96 -3.04
CA GLN A 145 -0.01 12.91 -3.31
C GLN A 145 1.21 12.16 -3.83
N PHE A 146 1.70 12.58 -4.97
CA PHE A 146 2.91 11.98 -5.49
C PHE A 146 3.89 13.08 -5.82
N GLY A 147 5.00 13.09 -5.09
CA GLY A 147 6.00 14.16 -5.20
C GLY A 147 7.28 13.75 -5.88
N GLY A 148 8.40 14.07 -5.25
CA GLY A 148 9.71 13.74 -5.81
C GLY A 148 10.64 13.18 -4.74
N LEU A 149 11.94 13.23 -5.02
CA LEU A 149 12.95 12.73 -4.10
C LEU A 149 13.07 13.54 -2.83
N LYS A 150 12.72 14.83 -2.91
CA LYS A 150 12.76 15.71 -1.74
C LYS A 150 11.36 16.03 -1.26
N ARG A 151 11.22 16.15 0.05
CA ARG A 151 9.90 16.36 0.65
C ARG A 151 9.20 17.60 0.09
N ASN A 152 9.97 18.64 -0.23
CA ASN A 152 9.39 19.89 -0.73
C ASN A 152 9.15 19.91 -2.23
N ASP A 153 9.54 18.85 -2.93
CA ASP A 153 9.28 18.78 -4.37
C ASP A 153 7.78 18.88 -4.61
N PRO A 154 7.40 19.58 -5.69
CA PRO A 154 5.97 19.78 -5.99
C PRO A 154 5.20 18.47 -6.05
N LEU A 155 4.01 18.50 -5.48
CA LEU A 155 3.17 17.32 -5.43
C LEU A 155 2.23 17.29 -6.62
N LYS A 156 1.96 16.10 -7.14
CA LYS A 156 0.81 15.89 -7.99
C LYS A 156 -0.25 15.35 -7.07
N ARG A 157 -1.50 15.74 -7.29
CA ARG A 157 -2.63 15.19 -6.54
C ARG A 157 -3.52 14.43 -7.50
N LEU A 158 -3.72 13.14 -7.23
CA LEU A 158 -4.53 12.31 -8.08
C LEU A 158 -5.59 11.65 -7.25
N LEU A 159 -6.84 11.84 -7.63
CA LEU A 159 -7.90 11.04 -7.06
C LEU A 159 -7.64 9.58 -7.45
N LEU A 160 -7.60 8.73 -6.45
CA LEU A 160 -7.52 7.30 -6.67
C LEU A 160 -8.87 6.75 -6.35
N GLU A 161 -9.45 6.09 -7.35
CA GLU A 161 -10.77 5.51 -7.19
C GLU A 161 -10.65 4.00 -7.12
N HIS A 162 -11.76 3.38 -6.75
CA HIS A 162 -11.84 1.96 -6.58
C HIS A 162 -11.30 1.22 -7.81
N GLY A 163 -10.29 0.39 -7.58
CA GLY A 163 -9.74 -0.43 -8.65
C GLY A 163 -8.51 0.15 -9.30
N ASP A 164 -8.22 1.42 -9.03
CA ASP A 164 -7.02 2.06 -9.57
C ASP A 164 -5.74 1.43 -9.02
N VAL A 165 -4.74 1.28 -9.87
CA VAL A 165 -3.44 0.77 -9.45
C VAL A 165 -2.40 1.76 -9.85
N VAL A 166 -1.50 2.06 -8.93
CA VAL A 166 -0.38 2.95 -9.18
C VAL A 166 0.88 2.15 -9.00
N VAL A 167 1.83 2.33 -9.90
CA VAL A 167 3.07 1.60 -9.83
C VAL A 167 4.17 2.61 -9.92
N TRP A 168 5.12 2.55 -9.00
CA TRP A 168 6.32 3.38 -9.14
C TRP A 168 7.62 2.62 -8.90
N GLY A 169 8.69 3.10 -9.54
CA GLY A 169 9.94 2.37 -9.48
C GLY A 169 10.93 3.11 -10.33
N GLY A 170 12.13 2.53 -10.47
CA GLY A 170 13.18 3.17 -11.23
C GLY A 170 13.46 4.54 -10.65
N GLU A 171 13.47 5.55 -11.53
CA GLU A 171 13.74 6.92 -11.11
C GLU A 171 12.83 7.44 -10.01
N SER A 172 11.59 6.92 -9.95
CA SER A 172 10.63 7.42 -8.98
C SER A 172 10.49 6.51 -7.77
N ARG A 173 11.39 5.53 -7.64
CA ARG A 173 11.25 4.51 -6.59
C ARG A 173 11.17 5.10 -5.18
N LEU A 174 11.98 6.12 -4.91
CA LEU A 174 12.08 6.73 -3.58
C LEU A 174 11.29 8.04 -3.44
N PHE A 175 10.36 8.31 -4.36
CA PHE A 175 9.61 9.56 -4.34
C PHE A 175 8.68 9.64 -3.13
N TYR A 176 8.56 10.82 -2.55
CA TYR A 176 7.61 11.06 -1.47
C TYR A 176 6.18 10.94 -1.98
N HIS A 177 5.31 10.40 -1.14
CA HIS A 177 3.92 10.19 -1.48
C HIS A 177 3.11 10.10 -0.20
N GLY A 178 1.80 10.23 -0.32
CA GLY A 178 0.93 10.18 0.83
C GLY A 178 -0.52 10.26 0.41
N ILE A 179 -1.39 10.27 1.41
CA ILE A 179 -2.83 10.26 1.19
C ILE A 179 -3.47 11.35 2.06
N GLN A 180 -4.35 12.16 1.48
CA GLN A 180 -4.98 13.25 2.23
C GLN A 180 -6.15 12.70 2.99
N PRO A 181 -6.55 13.39 4.09
CA PRO A 181 -7.61 12.86 4.94
C PRO A 181 -8.80 12.38 4.14
N LEU A 182 -9.20 11.14 4.39
CA LEU A 182 -10.27 10.52 3.64
C LEU A 182 -11.61 11.19 3.88
N LYS A 183 -12.30 11.50 2.80
CA LYS A 183 -13.63 12.07 2.86
CA LYS A 183 -13.63 12.08 2.89
C LYS A 183 -14.65 10.98 3.17
N ALA A 184 -15.63 11.31 4.01
CA ALA A 184 -16.68 10.36 4.32
C ALA A 184 -17.43 10.06 3.03
N GLY A 185 -17.95 8.85 2.93
CA GLY A 185 -18.71 8.48 1.75
C GLY A 185 -19.19 7.06 1.86
N PHE A 186 -19.82 6.59 0.79
CA PHE A 186 -20.29 5.23 0.74
C PHE A 186 -19.73 4.51 -0.48
N HIS A 187 -19.32 3.26 -0.30
CA HIS A 187 -18.97 2.40 -1.42
C HIS A 187 -19.66 1.05 -1.26
N PRO A 188 -20.29 0.56 -2.34
CA PRO A 188 -21.03 -0.69 -2.25
C PRO A 188 -20.19 -1.87 -1.76
N LEU A 189 -18.88 -1.85 -2.02
CA LEU A 189 -18.03 -3.00 -1.68
C LEU A 189 -17.25 -2.87 -0.37
N THR A 190 -16.95 -1.65 0.06
CA THR A 190 -16.24 -1.48 1.33
C THR A 190 -17.10 -0.77 2.37
N ILE A 191 -18.25 -0.28 1.94
CA ILE A 191 -19.20 0.47 2.77
C ILE A 191 -18.73 1.88 3.12
N ASP A 192 -17.75 2.00 4.00
CA ASP A 192 -17.39 3.30 4.53
C ASP A 192 -15.90 3.51 4.65
N CYS A 193 -15.11 2.71 3.96
CA CYS A 193 -13.66 2.87 4.05
C CYS A 193 -12.94 2.76 2.72
N ARG A 194 -11.66 3.09 2.74
CA ARG A 194 -10.79 2.81 1.61
C ARG A 194 -9.75 1.77 2.05
N TYR A 195 -9.48 0.80 1.19
CA TYR A 195 -8.34 -0.08 1.41
C TYR A 195 -7.30 0.18 0.36
N ASN A 196 -6.04 -0.01 0.73
N ASN A 196 -6.04 0.01 0.75
CA ASN A 196 -4.93 0.05 -0.22
CA ASN A 196 -4.93 0.00 -0.18
C ASN A 196 -3.97 -1.12 0.03
C ASN A 196 -4.08 -1.24 0.05
N LEU A 197 -3.59 -1.80 -1.05
CA LEU A 197 -2.58 -2.86 -0.98
C LEU A 197 -1.30 -2.32 -1.58
N THR A 198 -0.21 -2.39 -0.81
N THR A 198 -0.22 -2.38 -0.82
CA THR A 198 1.11 -1.99 -1.29
CA THR A 198 1.07 -2.01 -1.37
C THR A 198 2.04 -3.20 -1.34
C THR A 198 2.04 -3.19 -1.36
N PHE A 199 2.44 -3.58 -2.56
CA PHE A 199 3.31 -4.74 -2.78
C PHE A 199 4.74 -4.29 -2.93
N ARG A 200 5.67 -5.01 -2.30
CA ARG A 200 7.09 -4.66 -2.39
C ARG A 200 7.96 -5.90 -2.34
N GLN A 201 9.21 -5.74 -2.78
CA GLN A 201 10.19 -6.78 -2.52
C GLN A 201 11.03 -6.22 -1.38
N ALA A 202 10.87 -6.76 -0.19
CA ALA A 202 11.48 -6.20 1.00
C ALA A 202 12.72 -6.99 1.43
N GLY A 203 12.90 -8.17 0.85
CA GLY A 203 14.05 -9.00 1.17
C GLY A 203 15.00 -9.10 0.00
N LYS A 204 15.85 -10.12 0.02
CA LYS A 204 16.79 -10.34 -1.07
C LYS A 204 16.29 -11.49 -1.94
#